data_3DHA
#
_entry.id   3DHA
#
_cell.length_a   54.929
_cell.length_b   55.604
_cell.length_c   78.703
_cell.angle_alpha   90.00
_cell.angle_beta   90.00
_cell.angle_gamma   90.00
#
_symmetry.space_group_name_H-M   'P 21 21 21'
#
loop_
_entity.id
_entity.type
_entity.pdbx_description
1 polymer 'N-Acyl Homoserine Lactone Hydrolase'
2 non-polymer 'ZINC ION'
3 non-polymer N-hexanoyl-L-homoserine
4 non-polymer GLYCEROL
5 water water
#
_entity_poly.entity_id   1
_entity_poly.type   'polypeptide(L)'
_entity_poly.pdbx_seq_one_letter_code
;GRISMTVKKLYFIPAGRCMLDHSSVNSALTPGKLLNLPVWCYLLETEEGPILVDTGMPESAVNNEGLFNGTFVEGQILPK
MTEEDRIVNILKRVGYEPDDLLYIISSHLHFDHAGGNGAFTNTPIIVQRTEYEAALHREEYMKECILPHLNYKIIEGDYE
VVPGVQLLYTPGHSPGHQSLFIETEQSGSVLLTIDASYTKENFEDEVPFAGFDPELALSSIKRLKEVVKKEKPIIFFGHD
IEQEKSCRVFPEYI
;
_entity_poly.pdbx_strand_id   A
#
loop_
_chem_comp.id
_chem_comp.type
_chem_comp.name
_chem_comp.formula
C6L non-polymer N-hexanoyl-L-homoserine 'C10 H19 N O4'
GOL non-polymer GLYCEROL 'C3 H8 O3'
ZN non-polymer 'ZINC ION' 'Zn 2'
#
# COMPACT_ATOMS: atom_id res chain seq x y z
N GLY A 1 13.19 -4.24 31.76
CA GLY A 1 13.05 -3.11 30.84
C GLY A 1 12.47 -3.48 29.50
N ARG A 2 12.26 -2.52 28.61
CA ARG A 2 11.75 -2.82 27.30
C ARG A 2 12.82 -3.47 26.43
N ILE A 3 12.38 -4.44 25.68
CA ILE A 3 13.22 -5.11 24.67
C ILE A 3 12.39 -5.10 23.41
N SER A 4 13.00 -4.70 22.32
CA SER A 4 12.37 -4.51 21.02
C SER A 4 11.76 -5.84 20.58
N MET A 5 10.49 -5.85 20.22
CA MET A 5 10.03 -7.15 19.69
C MET A 5 9.86 -7.04 18.20
N THR A 6 9.96 -8.21 17.55
CA THR A 6 10.04 -8.14 16.08
C THR A 6 8.92 -8.96 15.45
N VAL A 7 8.57 -8.64 14.21
CA VAL A 7 7.68 -9.45 13.36
C VAL A 7 8.42 -10.70 12.94
N LYS A 8 7.72 -11.83 12.96
CA LYS A 8 8.32 -13.12 12.60
C LYS A 8 8.62 -13.19 11.10
N LYS A 9 7.66 -12.76 10.28
CA LYS A 9 7.79 -12.85 8.85
C LYS A 9 7.10 -11.66 8.19
N LEU A 10 7.75 -11.08 7.17
CA LEU A 10 7.12 -10.09 6.31
C LEU A 10 7.09 -10.68 4.90
N TYR A 11 5.91 -10.93 4.37
CA TYR A 11 5.75 -11.41 3.03
C TYR A 11 5.26 -10.32 2.06
N PHE A 12 5.90 -10.32 0.88
CA PHE A 12 5.49 -9.48 -0.23
C PHE A 12 4.60 -10.36 -1.13
N ILE A 13 3.37 -9.96 -1.37
CA ILE A 13 2.42 -10.78 -2.09
C ILE A 13 1.90 -10.01 -3.30
N PRO A 14 2.27 -10.46 -4.50
CA PRO A 14 1.74 -9.84 -5.72
C PRO A 14 0.24 -9.97 -5.75
N ALA A 15 -0.44 -8.87 -6.08
CA ALA A 15 -1.90 -8.80 -6.09
C ALA A 15 -2.44 -8.19 -7.37
N GLY A 16 -1.98 -8.68 -8.50
CA GLY A 16 -2.30 -8.12 -9.78
C GLY A 16 -1.37 -6.96 -10.14
N ARG A 17 -1.75 -6.27 -11.23
CA ARG A 17 -0.91 -5.20 -11.78
C ARG A 17 -1.83 -4.09 -12.23
N CYS A 18 -1.22 -2.98 -12.62
CA CYS A 18 -1.98 -1.81 -13.08
C CYS A 18 -1.13 -1.05 -14.06
N MET A 19 -1.74 -0.69 -15.18
N MET A 19 -1.68 -0.71 -15.22
CA MET A 19 -1.03 0.20 -16.10
CA MET A 19 -1.03 0.17 -16.20
C MET A 19 -1.40 1.66 -15.87
C MET A 19 -1.23 1.62 -15.82
N LEU A 20 -0.36 2.48 -15.85
N LEU A 20 -0.17 2.40 -15.83
CA LEU A 20 -0.35 3.90 -15.66
CA LEU A 20 -0.27 3.84 -15.70
C LEU A 20 0.58 4.48 -16.75
C LEU A 20 0.60 4.45 -16.83
N ASP A 21 0.26 5.68 -17.21
CA ASP A 21 1.19 6.34 -18.15
C ASP A 21 2.51 6.65 -17.42
N HIS A 22 3.62 6.66 -18.13
CA HIS A 22 4.91 6.87 -17.46
C HIS A 22 4.98 8.27 -16.84
N SER A 23 4.12 9.22 -17.27
CA SER A 23 4.18 10.52 -16.60
C SER A 23 3.65 10.46 -15.19
N SER A 24 3.02 9.32 -14.79
CA SER A 24 2.64 9.17 -13.40
C SER A 24 3.81 8.79 -12.51
N VAL A 25 4.88 8.22 -13.01
CA VAL A 25 6.08 7.95 -12.22
C VAL A 25 7.12 9.08 -12.31
N ASN A 26 7.01 9.97 -13.28
CA ASN A 26 7.86 11.11 -13.48
C ASN A 26 7.04 12.16 -14.20
N SER A 27 6.61 13.17 -13.42
CA SER A 27 5.66 14.11 -13.94
C SER A 27 6.20 14.93 -15.09
N ALA A 28 7.50 14.90 -15.34
CA ALA A 28 8.09 15.62 -16.45
C ALA A 28 7.99 14.86 -17.75
N LEU A 29 7.76 13.56 -17.80
CA LEU A 29 7.66 12.83 -19.07
C LEU A 29 6.41 13.15 -19.90
N THR A 30 6.54 13.23 -21.23
CA THR A 30 5.33 13.64 -21.96
C THR A 30 4.50 12.38 -22.12
N PRO A 31 3.21 12.42 -21.87
CA PRO A 31 2.40 11.21 -21.90
C PRO A 31 2.48 10.44 -23.24
N GLY A 32 2.32 9.12 -23.12
CA GLY A 32 2.17 8.28 -24.30
C GLY A 32 2.83 6.90 -24.23
N LYS A 33 3.48 6.52 -23.15
CA LYS A 33 4.04 5.18 -22.93
C LYS A 33 3.37 4.67 -21.64
N LEU A 34 2.63 3.57 -21.69
CA LEU A 34 2.12 2.93 -20.49
C LEU A 34 3.21 2.04 -19.88
N LEU A 35 3.13 1.92 -18.56
CA LEU A 35 3.95 1.02 -17.77
C LEU A 35 3.06 0.04 -17.03
N ASN A 36 3.39 -1.26 -17.04
CA ASN A 36 2.66 -2.29 -16.32
C ASN A 36 3.30 -2.47 -14.94
N LEU A 37 2.70 -1.81 -13.94
CA LEU A 37 3.26 -1.66 -12.59
C LEU A 37 2.74 -2.71 -11.66
N PRO A 38 3.53 -3.13 -10.69
CA PRO A 38 3.04 -4.11 -9.72
C PRO A 38 2.06 -3.49 -8.74
N VAL A 39 1.08 -4.29 -8.30
CA VAL A 39 0.23 -4.03 -7.17
C VAL A 39 0.61 -5.03 -6.07
N TRP A 40 0.79 -4.52 -4.87
CA TRP A 40 1.25 -5.30 -3.73
C TRP A 40 0.27 -5.36 -2.59
N CYS A 41 0.24 -6.48 -1.89
N CYS A 41 0.28 -6.50 -1.92
CA CYS A 41 -0.21 -6.48 -0.48
CA CYS A 41 -0.21 -6.67 -0.56
C CYS A 41 0.93 -7.14 0.30
C CYS A 41 0.97 -7.14 0.29
N TYR A 42 0.91 -6.92 1.59
CA TYR A 42 1.94 -7.43 2.49
C TYR A 42 1.29 -8.17 3.63
N LEU A 43 1.86 -9.29 3.99
CA LEU A 43 1.37 -10.04 5.13
C LEU A 43 2.44 -10.13 6.20
N LEU A 44 2.04 -9.72 7.39
N LEU A 44 2.08 -9.71 7.39
CA LEU A 44 2.93 -9.72 8.55
CA LEU A 44 3.02 -9.74 8.52
C LEU A 44 2.51 -10.81 9.51
C LEU A 44 2.58 -10.80 9.50
N GLU A 45 3.39 -11.75 9.84
N GLU A 45 3.43 -11.76 9.84
CA GLU A 45 3.20 -12.74 10.86
CA GLU A 45 3.19 -12.75 10.84
C GLU A 45 3.78 -12.21 12.17
C GLU A 45 3.76 -12.21 12.17
N THR A 46 2.94 -11.95 13.15
CA THR A 46 3.33 -11.32 14.39
C THR A 46 2.88 -12.19 15.58
N GLU A 47 3.46 -11.95 16.71
CA GLU A 47 3.11 -12.72 17.89
C GLU A 47 1.65 -12.62 18.24
N GLU A 48 1.06 -11.45 17.98
N GLU A 48 0.96 -11.48 18.02
CA GLU A 48 -0.35 -11.13 18.14
CA GLU A 48 -0.47 -11.52 18.30
C GLU A 48 -1.28 -11.72 17.09
C GLU A 48 -1.34 -11.89 17.11
N GLY A 49 -0.78 -12.18 15.96
CA GLY A 49 -1.56 -12.71 14.83
C GLY A 49 -1.19 -12.06 13.53
N PRO A 50 -1.80 -12.48 12.44
CA PRO A 50 -1.47 -11.99 11.10
C PRO A 50 -2.11 -10.66 10.78
N ILE A 51 -1.32 -9.80 10.12
CA ILE A 51 -1.78 -8.46 9.73
C ILE A 51 -1.59 -8.31 8.23
N LEU A 52 -2.65 -7.86 7.56
CA LEU A 52 -2.59 -7.64 6.11
C LEU A 52 -2.52 -6.15 5.84
N VAL A 53 -1.53 -5.76 5.02
CA VAL A 53 -1.37 -4.40 4.58
C VAL A 53 -1.84 -4.34 3.10
N ASP A 54 -2.94 -3.59 2.92
CA ASP A 54 -3.61 -3.35 1.63
C ASP A 54 -4.29 -4.64 1.14
N THR A 55 -5.25 -4.42 0.23
CA THR A 55 -6.20 -5.47 -0.10
C THR A 55 -6.45 -5.61 -1.60
N GLY A 56 -5.56 -5.08 -2.42
CA GLY A 56 -5.68 -5.22 -3.85
C GLY A 56 -6.85 -4.43 -4.45
N MET A 57 -7.23 -4.84 -5.66
CA MET A 57 -8.18 -4.14 -6.53
C MET A 57 -9.57 -4.69 -6.37
N PRO A 58 -10.60 -3.92 -6.77
CA PRO A 58 -11.97 -4.33 -6.53
C PRO A 58 -12.39 -5.37 -7.58
N GLU A 59 -13.45 -6.08 -7.29
CA GLU A 59 -13.99 -7.07 -8.21
C GLU A 59 -14.33 -6.44 -9.57
N SER A 60 -14.69 -5.19 -9.60
CA SER A 60 -15.05 -4.53 -10.86
C SER A 60 -13.88 -4.45 -11.80
N ALA A 61 -12.66 -4.59 -11.27
CA ALA A 61 -11.46 -4.58 -12.13
C ALA A 61 -11.15 -5.93 -12.74
N VAL A 62 -11.75 -7.00 -12.29
CA VAL A 62 -11.45 -8.32 -12.78
C VAL A 62 -11.80 -8.43 -14.27
N ASN A 63 -10.78 -8.78 -15.10
CA ASN A 63 -11.01 -8.95 -16.54
C ASN A 63 -11.66 -7.71 -17.13
N ASN A 64 -11.26 -6.55 -16.62
CA ASN A 64 -11.84 -5.26 -17.01
C ASN A 64 -10.83 -4.12 -17.01
N GLU A 65 -9.99 -4.21 -18.06
CA GLU A 65 -8.98 -3.16 -18.25
C GLU A 65 -9.61 -1.77 -18.48
N GLY A 66 -10.83 -1.79 -19.01
CA GLY A 66 -11.58 -0.60 -19.27
C GLY A 66 -12.41 0.01 -18.15
N LEU A 67 -12.09 -0.42 -16.90
CA LEU A 67 -12.87 0.04 -15.74
C LEU A 67 -13.06 1.55 -15.70
N PHE A 68 -12.01 2.32 -16.04
CA PHE A 68 -12.09 3.78 -15.94
C PHE A 68 -12.57 4.46 -17.24
N ASN A 69 -13.08 3.70 -18.21
CA ASN A 69 -13.67 4.34 -19.37
C ASN A 69 -14.87 5.17 -18.87
N GLY A 70 -15.03 6.29 -19.57
CA GLY A 70 -16.15 7.16 -19.21
C GLY A 70 -15.86 8.09 -18.04
N THR A 71 -14.72 7.90 -17.42
CA THR A 71 -14.30 8.73 -16.26
C THR A 71 -13.20 9.76 -16.58
N PHE A 72 -12.88 10.68 -15.68
CA PHE A 72 -11.85 11.72 -15.82
C PHE A 72 -10.46 11.10 -15.95
N VAL A 73 -10.22 9.86 -15.60
CA VAL A 73 -8.95 9.13 -15.78
C VAL A 73 -9.02 8.02 -16.80
N GLU A 74 -10.00 8.04 -17.75
CA GLU A 74 -10.04 7.13 -18.88
C GLU A 74 -8.72 7.06 -19.62
N GLY A 75 -8.15 5.89 -19.84
CA GLY A 75 -6.90 5.70 -20.54
C GLY A 75 -5.66 5.92 -19.70
N GLN A 76 -5.85 6.47 -18.47
CA GLN A 76 -4.71 6.80 -17.62
C GLN A 76 -4.42 5.73 -16.59
N ILE A 77 -5.38 4.87 -16.35
CA ILE A 77 -5.31 3.80 -15.36
C ILE A 77 -6.02 2.58 -15.96
N LEU A 78 -5.30 1.48 -16.15
CA LEU A 78 -5.90 0.22 -16.74
C LEU A 78 -5.55 -0.92 -15.80
N PRO A 79 -6.48 -1.36 -14.97
CA PRO A 79 -6.11 -2.48 -14.09
C PRO A 79 -5.88 -3.76 -14.85
N LYS A 80 -4.91 -4.57 -14.35
CA LYS A 80 -4.59 -5.88 -14.92
C LYS A 80 -4.76 -6.89 -13.81
N MET A 81 -6.02 -7.38 -13.72
CA MET A 81 -6.48 -8.19 -12.59
C MET A 81 -7.26 -9.39 -13.10
N THR A 82 -6.92 -10.59 -12.67
CA THR A 82 -7.70 -11.81 -12.96
C THR A 82 -8.42 -12.22 -11.72
N GLU A 83 -9.26 -13.26 -11.85
CA GLU A 83 -10.00 -13.78 -10.74
C GLU A 83 -9.08 -14.23 -9.61
N GLU A 84 -7.91 -14.73 -9.94
CA GLU A 84 -6.95 -15.24 -8.96
C GLU A 84 -6.42 -14.11 -8.06
N ASP A 85 -6.47 -12.85 -8.54
CA ASP A 85 -5.90 -11.72 -7.80
C ASP A 85 -6.88 -11.06 -6.85
N ARG A 86 -8.10 -11.56 -6.72
CA ARG A 86 -9.02 -11.13 -5.69
C ARG A 86 -8.42 -11.45 -4.35
N ILE A 87 -8.45 -10.52 -3.41
CA ILE A 87 -7.77 -10.74 -2.10
C ILE A 87 -8.27 -11.98 -1.41
N VAL A 88 -9.56 -12.32 -1.46
CA VAL A 88 -9.96 -13.51 -0.72
C VAL A 88 -9.33 -14.76 -1.32
N ASN A 89 -9.17 -14.79 -2.64
CA ASN A 89 -8.55 -15.94 -3.26
C ASN A 89 -7.07 -15.98 -2.96
N ILE A 90 -6.38 -14.83 -3.02
CA ILE A 90 -4.99 -14.78 -2.59
C ILE A 90 -4.81 -15.31 -1.20
N LEU A 91 -5.64 -14.81 -0.28
CA LEU A 91 -5.53 -15.23 1.11
C LEU A 91 -5.76 -16.69 1.28
N LYS A 92 -6.77 -17.25 0.63
CA LYS A 92 -7.08 -18.66 0.79
C LYS A 92 -5.93 -19.49 0.30
N ARG A 93 -5.31 -19.13 -0.85
CA ARG A 93 -4.15 -19.87 -1.30
C ARG A 93 -2.97 -19.82 -0.34
N VAL A 94 -2.77 -18.68 0.36
CA VAL A 94 -1.66 -18.56 1.36
C VAL A 94 -2.00 -19.29 2.65
N GLY A 95 -3.26 -19.45 2.99
CA GLY A 95 -3.72 -20.14 4.16
C GLY A 95 -4.55 -19.39 5.15
N TYR A 96 -5.25 -18.33 4.75
CA TYR A 96 -6.10 -17.57 5.65
C TYR A 96 -7.49 -17.28 5.03
N GLU A 97 -8.43 -17.07 5.93
CA GLU A 97 -9.72 -16.46 5.63
C GLU A 97 -9.79 -15.06 6.25
N PRO A 98 -10.64 -14.19 5.74
CA PRO A 98 -10.65 -12.81 6.29
C PRO A 98 -10.75 -12.72 7.79
N ASP A 99 -11.57 -13.55 8.41
CA ASP A 99 -11.81 -13.44 9.86
C ASP A 99 -10.58 -13.89 10.66
N ASP A 100 -9.58 -14.53 10.03
CA ASP A 100 -8.38 -14.90 10.70
C ASP A 100 -7.43 -13.75 10.98
N LEU A 101 -7.62 -12.64 10.25
N LEU A 101 -7.65 -12.64 10.27
CA LEU A 101 -6.69 -11.52 10.34
CA LEU A 101 -6.70 -11.53 10.44
C LEU A 101 -6.90 -10.72 11.62
C LEU A 101 -6.94 -10.75 11.72
N LEU A 102 -5.81 -10.30 12.25
CA LEU A 102 -5.88 -9.41 13.41
C LEU A 102 -6.29 -8.00 13.03
N TYR A 103 -5.63 -7.43 12.03
CA TYR A 103 -5.89 -6.11 11.52
C TYR A 103 -5.70 -6.12 10.02
N ILE A 104 -6.41 -5.19 9.37
CA ILE A 104 -6.09 -4.73 8.01
C ILE A 104 -5.49 -3.34 8.20
N ILE A 105 -4.43 -3.03 7.49
CA ILE A 105 -3.86 -1.67 7.45
C ILE A 105 -4.10 -1.17 6.02
N SER A 106 -4.83 -0.07 5.87
CA SER A 106 -4.97 0.59 4.59
C SER A 106 -3.95 1.73 4.52
N SER A 107 -2.96 1.60 3.63
CA SER A 107 -2.03 2.69 3.42
C SER A 107 -2.74 3.94 3.01
N HIS A 108 -3.75 3.75 2.11
CA HIS A 108 -4.61 4.78 1.60
C HIS A 108 -5.75 4.07 0.87
N LEU A 109 -6.70 4.86 0.37
CA LEU A 109 -7.95 4.32 -0.15
C LEU A 109 -8.06 4.42 -1.65
N HIS A 110 -6.91 4.57 -2.35
CA HIS A 110 -6.91 4.38 -3.80
C HIS A 110 -7.37 2.97 -4.13
N PHE A 111 -7.85 2.81 -5.36
CA PHE A 111 -8.50 1.55 -5.74
C PHE A 111 -7.58 0.33 -5.75
N ASP A 112 -6.27 0.57 -5.94
CA ASP A 112 -5.28 -0.49 -5.97
C ASP A 112 -4.79 -0.88 -4.60
N HIS A 113 -5.30 -0.24 -3.55
CA HIS A 113 -4.90 -0.49 -2.18
C HIS A 113 -6.05 -0.88 -1.30
N ALA A 114 -7.27 -0.45 -1.61
CA ALA A 114 -8.43 -0.68 -0.74
C ALA A 114 -9.58 -1.34 -1.49
N GLY A 115 -9.37 -1.71 -2.73
CA GLY A 115 -10.46 -2.31 -3.51
C GLY A 115 -11.02 -3.60 -2.94
N GLY A 116 -10.19 -4.31 -2.13
CA GLY A 116 -10.64 -5.51 -1.47
C GLY A 116 -11.18 -5.30 -0.06
N ASN A 117 -11.33 -4.07 0.40
CA ASN A 117 -11.69 -3.86 1.79
C ASN A 117 -13.03 -4.49 2.18
N GLY A 118 -14.00 -4.51 1.25
CA GLY A 118 -15.32 -5.07 1.62
C GLY A 118 -15.32 -6.51 2.02
N ALA A 119 -14.27 -7.26 1.66
CA ALA A 119 -14.18 -8.65 2.10
C ALA A 119 -14.00 -8.82 3.58
N PHE A 120 -13.56 -7.78 4.26
CA PHE A 120 -13.20 -7.85 5.70
C PHE A 120 -14.24 -7.10 6.47
N THR A 121 -15.25 -7.78 6.99
CA THR A 121 -16.38 -7.13 7.63
C THR A 121 -16.32 -7.20 9.13
N ASN A 122 -15.39 -7.99 9.69
CA ASN A 122 -15.19 -8.02 11.12
C ASN A 122 -13.83 -7.48 11.56
N THR A 123 -12.82 -7.69 10.78
CA THR A 123 -11.44 -7.27 11.17
C THR A 123 -11.40 -5.75 11.22
N PRO A 124 -10.73 -5.18 12.26
CA PRO A 124 -10.57 -3.73 12.24
C PRO A 124 -9.67 -3.32 11.10
N ILE A 125 -10.09 -2.22 10.43
CA ILE A 125 -9.35 -1.69 9.28
C ILE A 125 -8.79 -0.33 9.71
N ILE A 126 -7.46 -0.30 9.80
CA ILE A 126 -6.74 0.88 10.31
C ILE A 126 -6.50 1.84 9.17
N VAL A 127 -7.03 3.07 9.25
CA VAL A 127 -6.96 4.03 8.20
C VAL A 127 -6.85 5.40 8.81
N GLN A 128 -6.09 6.30 8.18
CA GLN A 128 -5.98 7.68 8.66
C GLN A 128 -7.29 8.40 8.52
N ARG A 129 -7.62 9.25 9.50
CA ARG A 129 -8.79 10.08 9.43
C ARG A 129 -8.80 10.96 8.20
N THR A 130 -7.67 11.57 7.85
CA THR A 130 -7.70 12.45 6.68
C THR A 130 -7.94 11.67 5.39
N GLU A 131 -7.54 10.40 5.33
CA GLU A 131 -7.84 9.56 4.17
C GLU A 131 -9.30 9.14 4.11
N TYR A 132 -9.85 8.70 5.22
CA TYR A 132 -11.20 8.32 5.35
C TYR A 132 -12.09 9.47 4.96
N GLU A 133 -11.81 10.69 5.50
CA GLU A 133 -12.69 11.85 5.16
C GLU A 133 -12.56 12.18 3.70
N ALA A 134 -11.40 12.08 3.10
CA ALA A 134 -11.26 12.34 1.66
C ALA A 134 -12.06 11.37 0.86
N ALA A 135 -12.04 10.07 1.17
CA ALA A 135 -12.79 9.15 0.41
C ALA A 135 -14.33 9.25 0.64
N LEU A 136 -14.74 9.66 1.80
CA LEU A 136 -16.13 9.84 2.10
C LEU A 136 -16.77 10.88 1.24
N HIS A 137 -16.01 11.97 1.02
CA HIS A 137 -16.60 13.19 0.44
C HIS A 137 -16.13 13.49 -0.97
N ARG A 138 -15.07 12.93 -1.49
CA ARG A 138 -14.52 13.21 -2.81
C ARG A 138 -14.88 12.14 -3.82
N GLU A 139 -15.51 12.55 -4.93
CA GLU A 139 -16.00 11.63 -5.95
C GLU A 139 -14.88 10.94 -6.71
N GLU A 140 -13.63 11.38 -6.62
CA GLU A 140 -12.51 10.69 -7.27
C GLU A 140 -12.32 9.29 -6.69
N TYR A 141 -12.69 9.07 -5.41
CA TYR A 141 -12.51 7.72 -4.83
C TYR A 141 -13.62 6.78 -5.23
N MET A 142 -13.28 5.51 -5.45
CA MET A 142 -14.30 4.50 -5.78
C MET A 142 -15.10 4.18 -4.54
N LYS A 143 -16.39 3.93 -4.73
CA LYS A 143 -17.25 3.54 -3.61
C LYS A 143 -16.82 2.26 -2.97
N GLU A 144 -16.22 1.33 -3.72
CA GLU A 144 -15.68 0.08 -3.24
C GLU A 144 -14.63 0.26 -2.15
N CYS A 145 -14.00 1.41 -2.13
CA CYS A 145 -12.91 1.70 -1.19
C CYS A 145 -13.36 2.41 0.07
N ILE A 146 -14.66 2.71 0.19
CA ILE A 146 -15.18 3.49 1.35
C ILE A 146 -16.54 2.95 1.73
N LEU A 147 -16.68 1.62 1.77
CA LEU A 147 -17.95 1.04 2.16
C LEU A 147 -18.30 1.43 3.56
N PRO A 148 -19.55 1.70 3.84
CA PRO A 148 -19.90 2.42 5.08
C PRO A 148 -19.85 1.65 6.38
N HIS A 149 -20.04 0.36 6.33
CA HIS A 149 -20.32 -0.39 7.56
C HIS A 149 -19.24 -1.38 7.97
N LEU A 150 -18.05 -1.20 7.39
CA LEU A 150 -16.89 -1.96 7.80
C LEU A 150 -16.43 -1.50 9.20
N ASN A 151 -15.61 -2.34 9.84
CA ASN A 151 -15.14 -2.07 11.20
C ASN A 151 -13.91 -1.15 11.15
N TYR A 152 -14.10 0.13 10.84
CA TYR A 152 -12.96 1.03 10.72
C TYR A 152 -12.38 1.32 12.11
N LYS A 153 -11.06 1.38 12.13
CA LYS A 153 -10.28 1.83 13.28
C LYS A 153 -9.53 3.08 12.80
N ILE A 154 -10.17 4.23 12.96
CA ILE A 154 -9.63 5.47 12.44
C ILE A 154 -8.53 5.92 13.36
N ILE A 155 -7.39 6.33 12.80
CA ILE A 155 -6.24 6.83 13.54
C ILE A 155 -5.86 8.20 13.00
N GLU A 156 -5.04 8.93 13.77
CA GLU A 156 -4.56 10.26 13.39
C GLU A 156 -3.06 10.31 13.62
N GLY A 157 -2.27 10.34 12.57
CA GLY A 157 -0.82 10.51 12.67
C GLY A 157 -0.09 9.19 12.82
N ASP A 158 1.08 9.26 13.42
CA ASP A 158 1.90 8.07 13.60
C ASP A 158 1.25 7.17 14.61
N TYR A 159 1.49 5.85 14.49
CA TYR A 159 0.74 4.89 15.29
C TYR A 159 1.47 3.56 15.40
N GLU A 160 1.49 2.97 16.55
CA GLU A 160 2.04 1.64 16.70
C GLU A 160 0.92 0.61 16.67
N VAL A 161 0.92 -0.25 15.66
CA VAL A 161 -0.15 -1.22 15.53
C VAL A 161 0.01 -2.35 16.54
N VAL A 162 1.16 -3.02 16.54
CA VAL A 162 1.62 -4.00 17.49
C VAL A 162 3.13 -3.78 17.59
N PRO A 163 3.79 -4.33 18.63
CA PRO A 163 5.25 -4.16 18.69
C PRO A 163 5.89 -4.69 17.39
N GLY A 164 6.78 -3.83 16.81
CA GLY A 164 7.43 -4.15 15.55
C GLY A 164 6.74 -3.61 14.33
N VAL A 165 5.53 -3.03 14.47
CA VAL A 165 4.77 -2.57 13.31
C VAL A 165 4.34 -1.12 13.59
N GLN A 166 4.98 -0.24 12.85
N GLN A 166 4.99 -0.11 13.02
CA GLN A 166 4.71 1.12 12.92
CA GLN A 166 4.74 1.30 13.18
C GLN A 166 4.13 1.79 11.71
C GLN A 166 4.24 1.91 11.88
N LEU A 167 3.24 2.73 11.93
CA LEU A 167 2.73 3.54 10.82
C LEU A 167 3.29 4.92 10.90
N LEU A 168 3.75 5.42 9.78
CA LEU A 168 4.31 6.77 9.62
C LEU A 168 3.39 7.56 8.72
N TYR A 169 2.87 8.64 9.23
CA TYR A 169 1.97 9.51 8.46
C TYR A 169 2.75 10.21 7.36
N THR A 170 2.39 9.96 6.10
CA THR A 170 3.14 10.43 4.92
C THR A 170 2.17 10.96 3.87
N PRO A 171 1.40 12.00 4.19
CA PRO A 171 0.40 12.50 3.25
C PRO A 171 1.07 13.18 2.07
N GLY A 172 0.27 13.35 1.01
CA GLY A 172 0.72 14.01 -0.21
C GLY A 172 0.28 13.31 -1.46
N HIS A 173 0.72 12.05 -1.60
CA HIS A 173 0.19 11.27 -2.73
C HIS A 173 -1.32 11.15 -2.62
N SER A 174 -1.81 10.97 -1.40
CA SER A 174 -3.22 11.09 -1.08
C SER A 174 -3.34 11.85 0.26
N PRO A 175 -4.51 12.37 0.60
CA PRO A 175 -4.60 13.24 1.77
C PRO A 175 -4.20 12.62 3.08
N GLY A 176 -4.38 11.33 3.25
CA GLY A 176 -4.02 10.65 4.45
C GLY A 176 -3.16 9.40 4.28
N HIS A 177 -2.26 9.47 3.30
CA HIS A 177 -1.38 8.34 3.01
C HIS A 177 -0.52 8.05 4.22
N GLN A 178 -0.26 6.74 4.46
CA GLN A 178 0.67 6.32 5.53
C GLN A 178 1.55 5.19 4.99
N SER A 179 2.80 5.23 5.46
CA SER A 179 3.84 4.28 5.19
C SER A 179 4.07 3.38 6.40
N LEU A 180 4.85 2.34 6.30
CA LEU A 180 5.11 1.39 7.39
C LEU A 180 6.59 1.27 7.67
N PHE A 181 6.89 1.17 8.97
CA PHE A 181 8.22 0.94 9.48
C PHE A 181 8.12 -0.32 10.32
N ILE A 182 8.74 -1.40 9.86
CA ILE A 182 8.60 -2.72 10.45
C ILE A 182 9.95 -3.21 10.93
N GLU A 183 10.00 -3.84 12.06
CA GLU A 183 11.23 -4.50 12.54
C GLU A 183 11.02 -6.01 12.38
N THR A 184 11.77 -6.68 11.53
CA THR A 184 11.54 -8.12 11.38
C THR A 184 12.71 -8.88 12.00
N GLU A 185 12.38 -10.14 12.36
CA GLU A 185 13.44 -10.98 12.96
C GLU A 185 14.56 -11.31 11.99
N GLN A 186 14.29 -11.54 10.72
CA GLN A 186 15.35 -11.90 9.81
C GLN A 186 16.16 -10.76 9.24
N SER A 187 15.55 -9.57 9.23
CA SER A 187 16.09 -8.45 8.54
C SER A 187 16.34 -7.12 9.24
N GLY A 188 15.76 -7.00 10.44
CA GLY A 188 15.87 -5.70 11.11
C GLY A 188 14.88 -4.75 10.52
N SER A 189 15.31 -3.50 10.42
CA SER A 189 14.40 -2.41 10.06
C SER A 189 14.10 -2.38 8.57
N VAL A 190 12.79 -2.31 8.29
CA VAL A 190 12.26 -2.26 6.92
C VAL A 190 11.34 -1.08 6.78
N LEU A 191 11.54 -0.26 5.76
CA LEU A 191 10.60 0.83 5.41
C LEU A 191 9.86 0.45 4.17
N LEU A 192 8.54 0.35 4.28
CA LEU A 192 7.65 0.19 3.14
C LEU A 192 7.10 1.57 2.86
N THR A 193 7.59 2.26 1.84
CA THR A 193 7.10 3.59 1.59
C THR A 193 5.66 3.58 1.14
N ILE A 194 5.22 2.50 0.54
CA ILE A 194 3.97 2.48 -0.20
C ILE A 194 4.05 3.61 -1.22
N ASP A 195 3.02 4.40 -1.40
CA ASP A 195 3.01 5.36 -2.47
C ASP A 195 3.48 6.74 -2.06
N ALA A 196 4.19 6.83 -0.93
CA ALA A 196 4.92 8.02 -0.60
C ALA A 196 6.09 8.15 -1.59
N SER A 197 6.44 7.08 -2.32
CA SER A 197 7.34 7.15 -3.44
C SER A 197 7.04 5.94 -4.34
N TYR A 198 6.55 6.14 -5.55
CA TYR A 198 6.33 5.01 -6.42
C TYR A 198 7.61 4.27 -6.74
N THR A 199 8.70 4.99 -6.99
CA THR A 199 9.96 4.44 -7.40
C THR A 199 11.12 5.00 -6.59
N LYS A 200 12.26 4.35 -6.66
CA LYS A 200 13.46 4.80 -5.99
C LYS A 200 13.82 6.20 -6.41
N GLU A 201 13.63 6.56 -7.70
CA GLU A 201 13.98 7.88 -8.10
C GLU A 201 13.05 8.96 -7.51
N ASN A 202 11.81 8.67 -7.23
CA ASN A 202 10.91 9.58 -6.56
C ASN A 202 11.48 9.89 -5.17
N PHE A 203 12.11 8.93 -4.58
CA PHE A 203 12.61 9.12 -3.21
C PHE A 203 14.00 9.71 -3.22
N GLU A 204 14.96 9.06 -3.84
CA GLU A 204 16.38 9.54 -3.84
C GLU A 204 16.51 10.90 -4.53
N ASP A 205 15.82 11.09 -5.68
CA ASP A 205 16.03 12.27 -6.54
C ASP A 205 14.88 13.26 -6.51
N GLU A 206 13.84 12.88 -5.73
CA GLU A 206 12.72 13.74 -5.49
C GLU A 206 12.09 14.09 -6.85
N VAL A 207 12.08 13.03 -7.74
CA VAL A 207 11.38 13.21 -9.02
C VAL A 207 9.87 13.27 -8.77
N PRO A 208 9.08 14.25 -9.17
CA PRO A 208 7.63 14.32 -8.85
C PRO A 208 6.89 13.18 -9.56
N PHE A 209 5.74 12.79 -8.97
CA PHE A 209 4.96 11.66 -9.39
C PHE A 209 3.52 11.92 -9.03
N ALA A 210 2.59 11.07 -9.49
CA ALA A 210 1.16 11.33 -9.39
C ALA A 210 0.79 11.50 -7.90
N GLY A 211 -0.01 12.47 -7.61
CA GLY A 211 -0.51 12.57 -6.26
C GLY A 211 -1.37 13.79 -6.12
N PHE A 212 -2.09 13.79 -5.05
CA PHE A 212 -2.99 14.86 -4.71
C PHE A 212 -2.34 16.21 -4.42
N ASP A 213 -1.27 16.20 -3.67
CA ASP A 213 -0.58 17.43 -3.30
C ASP A 213 0.90 17.18 -3.35
N PRO A 214 1.55 17.48 -4.48
CA PRO A 214 2.98 17.27 -4.64
C PRO A 214 3.87 17.97 -3.63
N GLU A 215 3.47 19.15 -3.16
CA GLU A 215 4.34 19.86 -2.21
C GLU A 215 4.32 19.06 -0.91
N LEU A 216 3.15 18.58 -0.46
N LEU A 216 3.14 18.56 -0.52
CA LEU A 216 3.10 17.72 0.71
CA LEU A 216 3.12 17.77 0.72
C LEU A 216 3.85 16.41 0.53
C LEU A 216 3.81 16.43 0.51
N ALA A 217 3.70 15.83 -0.68
CA ALA A 217 4.40 14.57 -0.92
C ALA A 217 5.87 14.77 -0.72
N LEU A 218 6.41 15.90 -1.18
CA LEU A 218 7.87 16.15 -1.02
C LEU A 218 8.22 16.27 0.44
N SER A 219 7.43 17.02 1.21
CA SER A 219 7.74 17.12 2.66
C SER A 219 7.66 15.76 3.33
N SER A 220 6.73 14.88 2.89
CA SER A 220 6.72 13.55 3.50
C SER A 220 7.97 12.73 3.11
N ILE A 221 8.47 12.86 1.92
CA ILE A 221 9.74 12.24 1.53
C ILE A 221 10.88 12.75 2.42
N LYS A 222 10.90 14.08 2.61
CA LYS A 222 11.94 14.64 3.52
C LYS A 222 11.85 14.07 4.90
N ARG A 223 10.65 13.84 5.44
CA ARG A 223 10.54 13.22 6.74
C ARG A 223 11.03 11.80 6.76
N LEU A 224 10.66 11.06 5.69
CA LEU A 224 11.15 9.69 5.59
C LEU A 224 12.68 9.65 5.46
N LYS A 225 13.26 10.61 4.79
CA LYS A 225 14.75 10.65 4.72
C LYS A 225 15.34 10.88 6.12
N GLU A 226 14.69 11.65 6.99
CA GLU A 226 15.19 11.76 8.37
C GLU A 226 15.12 10.44 9.09
N VAL A 227 14.03 9.71 8.89
CA VAL A 227 13.90 8.40 9.50
C VAL A 227 15.01 7.48 9.02
N VAL A 228 15.25 7.52 7.72
CA VAL A 228 16.24 6.65 7.09
C VAL A 228 17.63 6.93 7.65
N LYS A 229 17.94 8.22 7.87
CA LYS A 229 19.25 8.63 8.40
C LYS A 229 19.44 8.03 9.79
N LYS A 230 18.38 7.94 10.57
CA LYS A 230 18.49 7.44 11.94
C LYS A 230 18.45 5.91 12.01
N GLU A 231 17.64 5.24 11.18
CA GLU A 231 17.43 3.83 11.28
C GLU A 231 18.13 2.96 10.23
N LYS A 232 18.57 3.53 9.12
CA LYS A 232 19.20 2.77 8.08
C LYS A 232 18.43 1.51 7.69
N PRO A 233 17.19 1.65 7.33
CA PRO A 233 16.42 0.46 6.95
C PRO A 233 16.65 0.02 5.51
N ILE A 234 16.20 -1.20 5.22
N ILE A 234 16.21 -1.21 5.21
CA ILE A 234 16.02 -1.62 3.82
CA ILE A 234 15.95 -1.67 3.86
C ILE A 234 14.72 -0.98 3.34
C ILE A 234 14.69 -0.95 3.34
N ILE A 235 14.68 -0.38 2.17
CA ILE A 235 13.54 0.39 1.70
C ILE A 235 12.92 -0.19 0.45
N PHE A 236 11.59 -0.34 0.48
CA PHE A 236 10.81 -0.87 -0.63
C PHE A 236 9.82 0.15 -1.08
N PHE A 237 9.76 0.43 -2.37
CA PHE A 237 8.93 1.49 -2.94
C PHE A 237 7.61 0.93 -3.47
N GLY A 238 6.65 1.76 -3.75
CA GLY A 238 5.31 1.31 -3.97
C GLY A 238 4.98 0.69 -5.34
N HIS A 239 5.52 1.22 -6.41
CA HIS A 239 5.15 0.74 -7.77
C HIS A 239 6.35 0.85 -8.67
N ASP A 240 7.35 0.02 -8.33
CA ASP A 240 8.69 0.20 -8.91
C ASP A 240 9.06 -1.04 -9.71
N ILE A 241 8.97 -0.99 -11.00
CA ILE A 241 9.21 -2.08 -11.89
C ILE A 241 10.68 -2.50 -11.83
N GLU A 242 11.58 -1.55 -11.58
CA GLU A 242 12.99 -1.88 -11.49
C GLU A 242 13.25 -2.69 -10.22
N GLN A 243 12.77 -2.20 -9.09
CA GLN A 243 12.99 -2.86 -7.79
C GLN A 243 12.28 -4.21 -7.71
N GLU A 244 11.17 -4.32 -8.38
CA GLU A 244 10.46 -5.60 -8.36
C GLU A 244 11.38 -6.70 -8.87
N LYS A 245 12.34 -6.37 -9.73
CA LYS A 245 13.24 -7.33 -10.28
C LYS A 245 14.11 -7.99 -9.21
N SER A 246 14.31 -7.40 -8.04
CA SER A 246 15.11 -7.96 -6.98
C SER A 246 14.34 -8.28 -5.75
N CYS A 247 13.06 -7.97 -5.59
N CYS A 247 13.04 -8.05 -5.66
CA CYS A 247 12.29 -8.20 -4.38
CA CYS A 247 12.34 -8.45 -4.47
C CYS A 247 11.95 -9.67 -4.18
C CYS A 247 12.19 -9.96 -4.32
N ARG A 248 12.29 -10.30 -3.05
CA ARG A 248 11.87 -11.64 -2.63
C ARG A 248 10.38 -11.66 -2.34
N VAL A 249 9.62 -12.54 -2.99
CA VAL A 249 8.18 -12.56 -2.86
C VAL A 249 7.77 -13.89 -2.29
N PHE A 250 6.53 -13.95 -1.80
CA PHE A 250 5.92 -15.17 -1.30
C PHE A 250 6.25 -16.34 -2.21
N PRO A 251 6.68 -17.50 -1.70
CA PRO A 251 6.73 -17.86 -0.27
C PRO A 251 7.98 -17.43 0.48
N GLU A 252 8.89 -16.73 -0.17
CA GLU A 252 9.99 -16.15 0.57
C GLU A 252 9.49 -15.03 1.46
N TYR A 253 10.20 -14.69 2.51
CA TYR A 253 9.86 -13.60 3.42
C TYR A 253 11.13 -12.96 3.90
N ILE A 254 10.94 -11.78 4.45
CA ILE A 254 12.05 -11.04 5.03
C ILE A 254 11.82 -10.71 6.49
ZN ZN B . -0.79 2.67 -5.51
ZN ZN C . -2.10 5.57 -4.54
O4 C6L D . -5.25 9.07 -8.00
C5 C6L D . -4.87 7.86 -8.11
C6 C6L D . -3.47 7.37 -8.33
C7 C6L D . -2.80 7.76 -9.60
C8 C6L D . -3.56 8.48 -10.70
C9 C6L D . -2.76 8.59 -11.99
C10 C6L D . -3.52 9.38 -13.07
N1 C6L D . -5.83 6.92 -8.02
C3 C6L D . -7.27 7.15 -7.86
C4 C6L D . -7.90 6.12 -6.92
O2 C6L D . -7.40 5.02 -7.05
O1 C6L D . -8.84 6.44 -6.12
C2 C6L D . -7.92 6.97 -9.26
C1 C6L D . -9.45 7.16 -9.32
O3 C6L D . -9.81 8.53 -9.23
C1 GOL E . -0.69 -16.29 -3.42
O1 GOL E . -1.06 -15.62 -4.61
C2 GOL E . 0.07 -17.58 -3.71
O2 GOL E . -0.70 -18.46 -4.49
C3 GOL E . 1.39 -17.24 -4.44
O3 GOL E . 2.19 -18.45 -4.55
C1 GOL F . -4.24 15.95 11.43
C1 GOL F . -3.93 16.86 10.71
O1 GOL F . -5.33 15.79 10.60
O1 GOL F . -5.20 16.37 10.83
C2 GOL F . -3.11 15.15 10.78
C2 GOL F . -2.74 15.97 10.82
O2 GOL F . -2.06 16.08 10.87
O2 GOL F . -1.99 16.39 11.96
C3 GOL F . -2.75 13.88 11.52
C3 GOL F . -2.99 14.50 10.94
O3 GOL F . -2.63 14.27 12.89
O3 GOL F . -2.88 13.96 12.26
C1 GOL G . -12.40 -8.20 -4.46
C1 GOL G . -12.17 -8.03 -4.59
O1 GOL G . -11.29 -8.54 -3.72
O1 GOL G . -11.21 -8.46 -3.67
C2 GOL G . -13.37 -7.43 -3.60
C2 GOL G . -13.25 -7.32 -3.77
O2 GOL G . -14.45 -7.06 -4.40
O2 GOL G . -14.37 -7.14 -4.55
C3 GOL G . -13.84 -8.25 -2.37
C3 GOL G . -13.54 -8.12 -2.49
O3 GOL G . -14.76 -9.23 -2.83
O3 GOL G . -14.76 -7.71 -1.90
C1 GOL H . 11.43 13.34 13.56
O1 GOL H . 10.91 14.39 12.81
C2 GOL H . 12.51 12.73 12.69
O2 GOL H . 13.77 13.25 13.16
C3 GOL H . 12.53 11.22 12.74
O3 GOL H . 13.16 10.80 13.95
#